data_7LW3
#
_entry.id   7LW3
#
_cell.length_a   184.073
_cell.length_b   184.073
_cell.length_c   57.128
_cell.angle_alpha   90.000
_cell.angle_beta   90.000
_cell.angle_gamma   120.000
#
_symmetry.space_group_name_H-M   'P 31 2 1'
#
loop_
_entity.id
_entity.type
_entity.pdbx_description
1 polymer "2'-O-methyltransferase"
2 polymer 'Non-structural protein 10'
3 non-polymer '2-(N-MORPHOLINO)-ETHANESULFONIC ACID'
4 non-polymer 'MAGNESIUM ION'
5 non-polymer S-ADENOSYL-L-HOMOCYSTEINE
6 non-polymer '[(2~{R},3~{R},4~{R},5~{R})-5-(6-azanyl-7,8-dihydropurin-9-yl)-2-[[[[[(2~{R},3~{S},4~{R},5~{R})-5-(2-azanyl-7-methyl-6-oxidanylidene-1,8-dihydropurin-9-yl)-3,4-bis(oxidanyl)oxolan-2-yl]methoxy-oxidanyl-phosphoryl]oxy-oxidanyl-phosphoryl]oxy-oxidanyl-phosphoryl]oxymethyl]-4-methoxy-oxolan-3-yl] [(2~{R},3~{S},4~{R},5~{S})-5-[2,4-bis(oxidanylidene)pyrimidin-1-yl]-3,4-bis(oxidanyl)oxolan-2-yl]methyl hydrogen phosphate'
7 non-polymer 1,2-ETHANEDIOL
8 non-polymer 'ZINC ION'
9 water water
#
loop_
_entity_poly.entity_id
_entity_poly.type
_entity_poly.pdbx_seq_one_letter_code
_entity_poly.pdbx_strand_id
1 'polypeptide(L)'
;SSQAWQPGVAMPNLYKMQRMLLEKCDLQNYGDSATLPKGIMMNVAKYTQLCQYLNTLTLAVPYNMRVIHFGAGSDKGVAP
GTAVLRQWLPTGTLLVDSDLNDFVSDADSTLIGDCATVHTANKWDLIISDMYDPKTKNVTKENDSKEGFFTYICGFIQQK
LALGGSVAIKITEHSWNADLYKLMGHFAWWTAFVTNVNASSSEAFLIGCNYLGKPREQIDGYVMHANYIFWRNTNPIQLS
SYSLFDMSKFPLKLRGTAVMSLKEGQINDMILSLLSKGRLIIRENNRVVISSDVLVNN
;
A
2 'polypeptide(L)'
;AGNATEVPANSTVLSFCAFAVDAAKAYKDYLASGGQPITNCVKMLCTHTGTGQAITVTPEANMDQESFGGASCCLYCRCH
IDHPNPKGFCDLKGKYVQIPTTCANDPVGFTLRNTVCTVCGMWKGYGCSCDQLREPMLQ
;
B
#
loop_
_chem_comp.id
_chem_comp.type
_chem_comp.name
_chem_comp.formula
EDO non-polymer 1,2-ETHANEDIOL 'C2 H6 O2'
MES non-polymer '2-(N-MORPHOLINO)-ETHANESULFONIC ACID' 'C6 H13 N O4 S'
MG non-polymer 'MAGNESIUM ION' 'Mg 2'
YG4 non-polymer '[(2~{R},3~{R},4~{R},5~{R})-5-(6-azanyl-7,8-dihydropurin-9-yl)-2-[[[[[(2~{R},3~{S},4~{R},5~{R})-5-(2-azanyl-7-methyl-6-oxidanylidene-1,8-dihydropurin-9-yl)-3,4-bis(oxidanyl)oxolan-2-yl]methoxy-oxidanyl-phosphoryl]oxy-oxidanyl-phosphoryl]oxy-oxidanyl-phosphoryl]oxymethyl]-4-methoxy-oxolan-3-yl] [(2~{R},3~{S},4~{R},5~{S})-5-[2,4-bis(oxidanylidene)pyrimidin-1-yl]-3,4-bis(oxidanyl)oxolan-2-yl]methyl hydrogen phosphate' 'C31 H46 N12 O25 P4'
ZN non-polymer 'ZINC ION' 'Zn 2'
#
# COMPACT_ATOMS: atom_id res chain seq x y z
N SER A 1 13.86 25.30 6.65
CA SER A 1 13.51 25.91 7.92
C SER A 1 12.39 25.11 8.58
N SER A 2 11.18 25.28 8.07
CA SER A 2 10.01 24.54 8.56
C SER A 2 9.92 23.12 8.00
N GLN A 3 10.93 22.68 7.21
CA GLN A 3 10.82 21.42 6.47
C GLN A 3 10.74 20.20 7.39
N ALA A 4 11.42 20.24 8.55
CA ALA A 4 11.45 19.05 9.42
C ALA A 4 10.09 18.70 10.06
N TRP A 5 9.10 19.61 10.03
CA TRP A 5 7.75 19.32 10.54
C TRP A 5 6.73 18.84 9.48
N GLN A 6 7.12 18.69 8.17
CA GLN A 6 6.25 18.14 7.12
C GLN A 6 6.43 16.62 6.98
N PRO A 7 5.64 15.94 6.13
CA PRO A 7 5.89 14.50 5.86
C PRO A 7 6.96 14.17 4.79
N GLY A 8 7.39 15.13 3.94
CA GLY A 8 8.45 14.91 2.90
C GLY A 8 8.70 16.15 2.02
N VAL A 9 9.39 16.01 0.85
CA VAL A 9 9.77 17.16 -0.03
C VAL A 9 9.58 16.84 -1.55
N ALA A 10 8.99 17.80 -2.33
CA ALA A 10 8.74 17.64 -3.78
C ALA A 10 9.63 18.53 -4.69
N MET A 11 9.87 18.07 -5.96
CA MET A 11 10.85 18.71 -6.95
C MET A 11 10.38 20.06 -7.52
N PRO A 12 11.17 21.16 -7.37
CA PRO A 12 10.68 22.51 -7.75
C PRO A 12 10.63 22.81 -9.25
N ASN A 13 9.69 23.70 -9.64
CA ASN A 13 9.34 23.92 -11.06
C ASN A 13 10.50 24.45 -11.94
N LEU A 14 11.39 25.31 -11.42
CA LEU A 14 12.49 25.80 -12.29
C LEU A 14 13.55 24.72 -12.62
N TYR A 15 13.73 23.67 -11.80
CA TYR A 15 14.63 22.56 -12.20
C TYR A 15 14.04 21.74 -13.39
N LYS A 16 12.71 21.66 -13.55
CA LYS A 16 12.15 20.93 -14.70
C LYS A 16 12.42 21.59 -16.07
N MET A 17 12.86 22.86 -16.14
CA MET A 17 12.94 23.61 -17.40
C MET A 17 14.35 23.68 -18.05
N GLN A 18 15.37 22.97 -17.53
CA GLN A 18 16.77 23.08 -18.02
C GLN A 18 17.12 22.01 -19.10
N ARG A 19 18.47 21.92 -19.50
CA ARG A 19 19.01 20.92 -20.51
C ARG A 19 20.39 20.32 -20.15
N MET A 20 20.49 19.42 -19.15
CA MET A 20 21.77 18.95 -18.62
C MET A 20 22.21 17.58 -19.21
N LEU A 21 23.48 17.20 -18.95
CA LEU A 21 24.05 15.87 -19.26
C LEU A 21 24.24 14.99 -18.01
N LEU A 22 24.23 13.65 -18.20
CA LEU A 22 24.15 12.70 -17.08
C LEU A 22 25.50 12.42 -16.42
N GLU A 23 25.50 12.29 -15.07
CA GLU A 23 26.69 12.05 -14.23
C GLU A 23 26.39 10.99 -13.15
N LYS A 24 27.41 10.67 -12.32
CA LYS A 24 27.25 9.74 -11.19
C LYS A 24 26.72 10.43 -9.92
N CYS A 25 25.89 9.70 -9.13
CA CYS A 25 25.28 10.21 -7.88
C CYS A 25 26.19 9.97 -6.65
N ASP A 26 26.34 11.02 -5.78
CA ASP A 26 27.27 11.03 -4.62
C ASP A 26 26.70 11.80 -3.41
N LEU A 27 26.04 11.09 -2.47
CA LEU A 27 25.28 11.73 -1.37
C LEU A 27 26.10 11.86 -0.07
N GLN A 28 25.93 13.01 0.60
CA GLN A 28 26.80 13.36 1.73
C GLN A 28 26.56 12.48 2.97
N ASN A 29 25.37 11.91 3.14
CA ASN A 29 25.06 11.12 4.34
C ASN A 29 24.73 9.65 4.01
N TYR A 30 25.40 9.07 3.01
CA TYR A 30 24.96 7.84 2.34
C TYR A 30 24.67 6.66 3.28
N GLY A 31 25.20 6.63 4.50
CA GLY A 31 24.87 5.47 5.31
C GLY A 31 24.38 5.71 6.72
N ASP A 32 23.15 6.21 6.90
CA ASP A 32 22.66 6.55 8.23
C ASP A 32 21.23 6.03 8.43
N SER A 33 20.87 5.83 9.71
CA SER A 33 19.58 5.27 10.14
C SER A 33 18.87 6.19 11.12
N ALA A 34 17.53 6.15 11.10
CA ALA A 34 16.68 7.02 11.92
C ALA A 34 16.13 6.29 13.15
N THR A 35 15.62 7.08 14.13
CA THR A 35 15.18 6.57 15.44
C THR A 35 13.64 6.50 15.48
N LEU A 36 13.04 5.26 15.54
CA LEU A 36 11.60 5.03 15.44
C LEU A 36 10.96 4.72 16.81
N PRO A 37 9.63 4.88 16.97
CA PRO A 37 8.97 4.56 18.25
C PRO A 37 9.02 3.07 18.61
N LYS A 38 8.61 2.78 19.84
CA LYS A 38 9.04 1.57 20.55
C LYS A 38 8.77 0.26 19.79
N GLY A 39 7.56 0.02 19.31
CA GLY A 39 7.45 -1.27 18.62
C GLY A 39 7.25 -1.42 17.10
N ILE A 40 7.67 -0.44 16.28
CA ILE A 40 7.16 -0.24 14.89
C ILE A 40 8.21 -0.65 13.83
N MET A 41 7.77 -1.36 12.74
CA MET A 41 8.58 -1.75 11.55
C MET A 41 8.79 -0.60 10.52
N MET A 42 9.96 -0.60 9.82
CA MET A 42 10.23 0.41 8.78
C MET A 42 9.19 0.45 7.63
N ASN A 43 8.59 -0.69 7.23
CA ASN A 43 7.63 -0.66 6.13
C ASN A 43 6.23 -0.10 6.52
N VAL A 44 5.82 -0.11 7.79
CA VAL A 44 4.58 0.55 8.23
C VAL A 44 4.73 2.09 8.28
N ALA A 45 5.90 2.60 8.70
CA ALA A 45 6.12 4.06 8.75
C ALA A 45 6.23 4.72 7.36
N LYS A 46 6.81 4.02 6.37
CA LYS A 46 6.98 4.54 5.00
C LYS A 46 5.64 4.72 4.25
N TYR A 47 4.74 3.71 4.29
CA TYR A 47 3.39 3.85 3.68
C TYR A 47 2.48 4.89 4.39
N THR A 48 2.61 5.11 5.71
CA THR A 48 1.80 6.15 6.40
C THR A 48 2.14 7.59 5.90
N GLN A 49 3.43 7.91 5.65
CA GLN A 49 3.83 9.27 5.18
C GLN A 49 3.40 9.54 3.71
N LEU A 50 3.31 8.51 2.84
CA LEU A 50 2.82 8.72 1.45
C LEU A 50 1.31 9.07 1.38
N CYS A 51 0.44 8.38 2.16
CA CYS A 51 -0.99 8.71 2.19
C CYS A 51 -1.28 10.13 2.80
N GLN A 52 -0.51 10.60 3.80
CA GLN A 52 -0.62 12.00 4.30
C GLN A 52 -0.41 13.06 3.17
N TYR A 53 0.53 12.85 2.21
CA TYR A 53 0.76 13.83 1.12
C TYR A 53 -0.34 13.80 0.04
N LEU A 54 -0.88 12.62 -0.31
CA LEU A 54 -1.97 12.54 -1.28
C LEU A 54 -3.27 13.22 -0.81
N ASN A 55 -3.46 13.42 0.51
CA ASN A 55 -4.61 14.19 1.02
C ASN A 55 -4.61 15.67 0.57
N THR A 56 -3.51 16.24 0.02
CA THR A 56 -3.49 17.66 -0.37
C THR A 56 -3.77 17.94 -1.87
N LEU A 57 -4.14 16.93 -2.69
CA LEU A 57 -4.40 17.05 -4.15
C LEU A 57 -5.90 16.87 -4.48
N THR A 58 -6.27 17.01 -5.77
CA THR A 58 -7.69 16.99 -6.20
C THR A 58 -8.15 15.64 -6.78
N LEU A 59 -8.14 14.55 -5.98
CA LEU A 59 -8.57 13.21 -6.42
C LEU A 59 -10.12 13.05 -6.49
N ALA A 60 -10.58 12.11 -7.32
CA ALA A 60 -12.02 11.78 -7.43
C ALA A 60 -12.41 10.55 -6.60
N VAL A 61 -13.60 10.60 -5.95
CA VAL A 61 -14.03 9.58 -4.98
C VAL A 61 -15.52 9.18 -5.11
N PRO A 62 -15.89 8.13 -5.91
CA PRO A 62 -17.33 7.79 -6.08
C PRO A 62 -17.94 6.70 -5.18
N TYR A 63 -19.27 6.49 -5.24
CA TYR A 63 -19.90 5.34 -4.59
C TYR A 63 -19.45 4.01 -5.22
N ASN A 64 -19.03 3.04 -4.41
CA ASN A 64 -18.61 1.72 -4.90
C ASN A 64 -17.32 1.82 -5.74
N MET A 65 -16.21 2.23 -5.11
CA MET A 65 -14.86 2.42 -5.68
C MET A 65 -14.10 1.08 -5.91
N ARG A 66 -13.07 1.06 -6.82
CA ARG A 66 -12.25 -0.12 -7.22
C ARG A 66 -10.72 0.16 -7.32
N VAL A 67 -9.85 -0.66 -6.65
CA VAL A 67 -8.39 -0.45 -6.49
C VAL A 67 -7.59 -1.78 -6.67
N ILE A 68 -6.37 -1.76 -7.32
CA ILE A 68 -5.45 -2.94 -7.48
C ILE A 68 -3.96 -2.63 -7.15
N HIS A 69 -3.18 -3.63 -6.58
CA HIS A 69 -1.83 -3.45 -5.93
C HIS A 69 -0.81 -4.56 -6.31
N PHE A 70 0.30 -4.24 -7.07
CA PHE A 70 1.34 -5.19 -7.54
C PHE A 70 2.63 -5.18 -6.67
N GLY A 71 3.33 -6.33 -6.57
CA GLY A 71 4.53 -6.51 -5.72
C GLY A 71 4.39 -6.49 -4.18
N ALA A 72 3.42 -7.24 -3.60
CA ALA A 72 2.93 -7.05 -2.23
C ALA A 72 3.48 -8.00 -1.14
N GLY A 73 4.35 -8.98 -1.45
CA GLY A 73 4.83 -9.92 -0.44
C GLY A 73 6.22 -9.61 0.17
N SER A 74 6.48 -10.09 1.39
CA SER A 74 7.76 -9.91 2.09
C SER A 74 8.53 -11.25 2.24
N ASP A 75 9.81 -11.16 2.66
CA ASP A 75 10.68 -12.32 2.82
C ASP A 75 10.46 -13.08 4.11
N LYS A 76 9.35 -12.79 4.80
CA LYS A 76 8.94 -13.42 6.04
C LYS A 76 7.51 -13.99 6.00
N GLY A 77 6.76 -13.76 4.93
CA GLY A 77 5.51 -14.46 4.68
C GLY A 77 4.18 -13.76 4.98
N VAL A 78 4.15 -12.42 5.18
CA VAL A 78 2.93 -11.62 5.48
C VAL A 78 2.90 -10.35 4.60
N ALA A 79 1.91 -9.43 4.81
CA ALA A 79 1.72 -8.25 3.92
C ALA A 79 1.41 -6.92 4.63
N PRO A 80 2.45 -6.20 5.10
CA PRO A 80 2.21 -4.97 5.90
C PRO A 80 1.65 -3.76 5.15
N GLY A 81 2.00 -3.56 3.86
CA GLY A 81 1.46 -2.43 3.10
C GLY A 81 -0.03 -2.53 2.79
N THR A 82 -0.54 -3.75 2.47
CA THR A 82 -1.99 -3.95 2.28
C THR A 82 -2.83 -3.55 3.52
N ALA A 83 -2.30 -3.71 4.75
CA ALA A 83 -3.07 -3.40 5.96
C ALA A 83 -3.20 -1.91 6.27
N VAL A 84 -2.23 -1.06 5.85
CA VAL A 84 -2.36 0.40 5.96
C VAL A 84 -3.38 0.97 4.94
N LEU A 85 -3.38 0.50 3.67
CA LEU A 85 -4.38 0.95 2.68
C LEU A 85 -5.84 0.66 3.09
N ARG A 86 -6.11 -0.50 3.74
CA ARG A 86 -7.50 -0.80 4.18
C ARG A 86 -7.97 0.10 5.35
N GLN A 87 -7.05 0.64 6.18
CA GLN A 87 -7.36 1.59 7.26
C GLN A 87 -7.76 2.98 6.70
N TRP A 88 -7.17 3.39 5.55
CA TRP A 88 -7.34 4.72 4.90
C TRP A 88 -8.65 4.89 4.12
N LEU A 89 -9.11 3.86 3.34
CA LEU A 89 -10.22 3.99 2.38
C LEU A 89 -11.62 3.83 3.02
N PRO A 90 -12.70 4.32 2.37
CA PRO A 90 -14.06 4.20 2.97
C PRO A 90 -14.60 2.77 3.09
N THR A 91 -15.46 2.55 4.10
CA THR A 91 -15.98 1.22 4.38
C THR A 91 -16.85 0.70 3.24
N GLY A 92 -16.55 -0.51 2.72
CA GLY A 92 -17.24 -1.09 1.59
C GLY A 92 -16.50 -1.09 0.25
N THR A 93 -15.33 -0.44 0.17
CA THR A 93 -14.49 -0.47 -1.04
C THR A 93 -13.95 -1.89 -1.34
N LEU A 94 -13.91 -2.30 -2.63
CA LEU A 94 -13.32 -3.58 -3.08
C LEU A 94 -11.81 -3.52 -3.48
N LEU A 95 -10.98 -4.48 -2.99
CA LEU A 95 -9.49 -4.46 -3.13
C LEU A 95 -8.87 -5.85 -3.45
N VAL A 96 -7.94 -5.93 -4.47
CA VAL A 96 -7.27 -7.17 -4.98
C VAL A 96 -5.72 -7.00 -5.00
N ASP A 97 -4.92 -8.09 -4.67
CA ASP A 97 -3.41 -8.00 -4.68
C ASP A 97 -2.68 -9.26 -5.25
N SER A 98 -1.32 -9.17 -5.48
CA SER A 98 -0.53 -10.16 -6.29
C SER A 98 1.02 -10.13 -6.07
N ASP A 99 1.73 -11.28 -6.29
CA ASP A 99 3.22 -11.40 -6.23
C ASP A 99 3.73 -12.74 -6.80
N LEU A 100 5.08 -12.90 -6.87
CA LEU A 100 5.71 -14.09 -7.48
C LEU A 100 5.92 -15.29 -6.55
N ASN A 101 6.17 -15.07 -5.24
CA ASN A 101 6.26 -16.13 -4.23
C ASN A 101 5.08 -16.07 -3.22
N ASP A 102 4.84 -17.18 -2.49
CA ASP A 102 3.66 -17.38 -1.63
C ASP A 102 3.64 -16.53 -0.35
N PHE A 103 2.41 -16.14 0.14
CA PHE A 103 2.17 -15.27 1.33
C PHE A 103 0.67 -15.27 1.74
N VAL A 104 0.34 -14.67 2.93
CA VAL A 104 -1.06 -14.61 3.44
C VAL A 104 -1.51 -13.19 3.86
N SER A 105 -2.81 -12.87 3.65
CA SER A 105 -3.25 -11.47 3.46
C SER A 105 -4.70 -11.15 3.93
N ASP A 106 -4.98 -9.83 4.14
CA ASP A 106 -6.30 -9.29 4.54
C ASP A 106 -7.20 -8.76 3.38
N ALA A 107 -6.79 -8.86 2.10
CA ALA A 107 -7.60 -8.38 0.97
C ALA A 107 -8.81 -9.30 0.65
N ASP A 108 -9.75 -8.79 -0.19
CA ASP A 108 -10.90 -9.62 -0.60
C ASP A 108 -10.51 -10.82 -1.53
N SER A 109 -9.36 -10.80 -2.24
CA SER A 109 -8.99 -11.90 -3.18
C SER A 109 -7.52 -11.75 -3.66
N THR A 110 -6.78 -12.91 -3.89
CA THR A 110 -5.29 -12.96 -4.10
C THR A 110 -4.81 -13.95 -5.20
N LEU A 111 -3.79 -13.56 -6.04
CA LEU A 111 -3.26 -14.42 -7.13
C LEU A 111 -1.71 -14.55 -7.15
N ILE A 112 -1.19 -15.76 -7.44
CA ILE A 112 0.25 -16.10 -7.31
C ILE A 112 0.88 -16.50 -8.66
N GLY A 113 1.90 -15.75 -9.12
CA GLY A 113 2.63 -16.02 -10.37
C GLY A 113 3.35 -14.78 -10.93
N ASP A 114 3.94 -14.93 -12.16
CA ASP A 114 4.62 -13.81 -12.86
C ASP A 114 3.62 -12.82 -13.52
N CYS A 115 3.94 -11.51 -13.44
CA CYS A 115 2.93 -10.47 -13.73
C CYS A 115 2.38 -10.55 -15.16
N ALA A 116 3.16 -11.04 -16.11
CA ALA A 116 2.67 -11.16 -17.49
C ALA A 116 1.58 -12.24 -17.72
N THR A 117 1.19 -13.07 -16.73
CA THR A 117 0.11 -14.05 -16.93
C THR A 117 -1.30 -13.57 -16.46
N VAL A 118 -1.49 -12.30 -15.99
CA VAL A 118 -2.74 -11.79 -15.40
C VAL A 118 -3.65 -11.07 -16.43
N HIS A 119 -4.99 -11.35 -16.41
CA HIS A 119 -6.01 -10.72 -17.27
C HIS A 119 -7.31 -10.37 -16.51
N THR A 120 -8.00 -9.27 -16.90
CA THR A 120 -9.27 -8.85 -16.30
C THR A 120 -10.25 -8.34 -17.36
N ALA A 121 -11.53 -8.26 -16.99
CA ALA A 121 -12.60 -7.91 -17.93
C ALA A 121 -13.11 -6.46 -17.83
N ASN A 122 -12.93 -5.78 -16.69
CA ASN A 122 -13.45 -4.45 -16.40
C ASN A 122 -12.31 -3.42 -16.27
N LYS A 123 -12.68 -2.15 -15.92
CA LYS A 123 -11.73 -1.04 -15.74
C LYS A 123 -11.69 -0.53 -14.28
N TRP A 124 -10.64 0.26 -13.92
CA TRP A 124 -10.25 0.56 -12.53
C TRP A 124 -10.11 2.08 -12.27
N ASP A 125 -10.24 2.49 -10.98
CA ASP A 125 -10.19 3.91 -10.57
C ASP A 125 -8.81 4.40 -9.98
N LEU A 126 -7.93 3.51 -9.44
CA LEU A 126 -6.59 3.86 -8.92
C LEU A 126 -5.62 2.64 -8.96
N ILE A 127 -4.29 2.85 -9.23
CA ILE A 127 -3.25 1.78 -9.42
C ILE A 127 -1.89 2.08 -8.69
N ILE A 128 -1.36 1.09 -7.88
CA ILE A 128 -0.16 1.22 -7.00
C ILE A 128 0.89 0.10 -7.27
N SER A 129 2.25 0.38 -7.30
CA SER A 129 3.30 -0.66 -7.54
C SER A 129 4.62 -0.45 -6.75
N ASP A 130 5.18 -1.53 -6.12
CA ASP A 130 6.51 -1.52 -5.47
C ASP A 130 7.53 -2.53 -6.05
N MET A 131 7.40 -3.01 -7.30
CA MET A 131 8.30 -4.06 -7.87
C MET A 131 9.78 -3.58 -8.05
N TYR A 132 10.76 -4.55 -8.03
CA TYR A 132 12.24 -4.36 -8.18
C TYR A 132 13.04 -5.66 -8.43
N ASP A 133 13.97 -5.69 -9.48
CA ASP A 133 14.62 -6.93 -9.91
C ASP A 133 16.03 -7.09 -9.34
N PRO A 134 16.34 -8.22 -8.68
CA PRO A 134 17.57 -8.33 -7.86
C PRO A 134 18.90 -8.24 -8.63
N LYS A 135 18.93 -8.66 -9.88
CA LYS A 135 20.19 -8.63 -10.62
C LYS A 135 20.58 -7.24 -11.14
N THR A 136 19.76 -6.21 -10.89
CA THR A 136 20.15 -4.82 -11.14
C THR A 136 21.37 -4.41 -10.31
N LYS A 137 21.67 -5.16 -9.23
CA LYS A 137 22.82 -4.86 -8.38
C LYS A 137 24.20 -5.13 -9.04
N ASN A 138 24.28 -5.76 -10.20
CA ASN A 138 25.49 -6.41 -10.63
C ASN A 138 25.96 -5.58 -11.88
N VAL A 139 26.66 -4.44 -11.58
CA VAL A 139 26.87 -3.30 -12.46
C VAL A 139 28.19 -3.48 -13.22
N THR A 140 28.13 -3.37 -14.55
CA THR A 140 29.30 -3.69 -15.38
C THR A 140 29.29 -3.02 -16.76
N LYS A 141 28.88 -1.75 -16.86
CA LYS A 141 28.94 -0.97 -18.10
C LYS A 141 28.22 0.38 -17.95
N GLU A 142 27.80 1.07 -19.04
CA GLU A 142 27.38 2.47 -18.83
C GLU A 142 25.94 2.27 -18.33
N ASN A 143 25.31 3.37 -17.95
CA ASN A 143 23.95 3.35 -17.40
C ASN A 143 22.92 3.65 -18.49
N ASP A 144 22.28 2.62 -19.06
CA ASP A 144 21.26 2.76 -20.11
C ASP A 144 19.85 2.33 -19.66
N SER A 145 18.84 2.63 -20.50
CA SER A 145 17.40 2.40 -20.23
C SER A 145 17.03 0.90 -20.19
N LYS A 146 16.09 0.50 -19.30
CA LYS A 146 15.77 -0.92 -19.03
C LYS A 146 14.35 -1.36 -19.50
N GLU A 147 14.16 -2.69 -19.69
CA GLU A 147 12.89 -3.23 -20.20
C GLU A 147 12.20 -4.14 -19.17
N GLY A 148 12.02 -5.45 -19.47
CA GLY A 148 11.44 -6.37 -18.48
C GLY A 148 9.98 -6.07 -18.09
N PHE A 149 9.68 -5.98 -16.77
CA PHE A 149 8.32 -5.67 -16.30
C PHE A 149 7.85 -4.24 -16.64
N PHE A 150 8.77 -3.29 -16.91
CA PHE A 150 8.39 -1.94 -17.38
C PHE A 150 7.61 -2.00 -18.71
N THR A 151 7.89 -2.96 -19.60
CA THR A 151 7.12 -3.08 -20.85
C THR A 151 5.64 -3.50 -20.63
N TYR A 152 5.32 -4.33 -19.61
CA TYR A 152 3.93 -4.72 -19.33
C TYR A 152 3.10 -3.55 -18.78
N ILE A 153 3.68 -2.74 -17.88
CA ILE A 153 2.97 -1.66 -17.18
C ILE A 153 2.51 -0.54 -18.13
N CYS A 154 3.35 -0.09 -19.08
CA CYS A 154 2.93 0.95 -20.04
C CYS A 154 1.66 0.53 -20.83
N GLY A 155 1.54 -0.75 -21.20
CA GLY A 155 0.39 -1.17 -21.99
C GLY A 155 -0.90 -1.38 -21.19
N PHE A 156 -0.80 -1.82 -19.92
CA PHE A 156 -1.99 -1.97 -19.05
C PHE A 156 -2.70 -0.61 -18.85
N ILE A 157 -1.93 0.47 -18.72
CA ILE A 157 -2.51 1.80 -18.46
C ILE A 157 -3.32 2.31 -19.65
N GLN A 158 -2.77 2.21 -20.88
CA GLN A 158 -3.46 2.73 -22.09
C GLN A 158 -4.74 1.94 -22.46
N GLN A 159 -4.91 0.78 -21.92
CA GLN A 159 -5.99 -0.13 -22.20
C GLN A 159 -7.10 -0.35 -21.11
N LYS A 160 -6.82 -0.14 -19.81
CA LYS A 160 -7.75 -0.45 -18.73
C LYS A 160 -7.88 0.61 -17.61
N LEU A 161 -7.42 1.86 -17.79
CA LEU A 161 -7.65 2.93 -16.80
C LEU A 161 -8.79 3.86 -17.26
N ALA A 162 -9.74 4.20 -16.37
CA ALA A 162 -10.86 5.08 -16.71
C ALA A 162 -10.45 6.55 -16.90
N LEU A 163 -11.18 7.27 -17.77
CA LEU A 163 -10.95 8.73 -17.92
C LEU A 163 -11.27 9.47 -16.62
N GLY A 164 -10.26 10.10 -16.01
CA GLY A 164 -10.42 10.77 -14.73
C GLY A 164 -9.64 10.19 -13.54
N GLY A 165 -9.06 8.98 -13.62
CA GLY A 165 -8.29 8.36 -12.54
C GLY A 165 -6.81 8.82 -12.43
N SER A 166 -6.04 8.12 -11.54
CA SER A 166 -4.67 8.50 -11.06
C SER A 166 -3.77 7.26 -10.80
N VAL A 167 -2.40 7.46 -10.69
CA VAL A 167 -1.40 6.37 -10.43
C VAL A 167 -0.18 6.83 -9.57
N ALA A 168 0.60 5.86 -8.99
CA ALA A 168 1.95 6.08 -8.39
C ALA A 168 2.93 4.87 -8.44
N ILE A 169 4.15 5.01 -9.04
CA ILE A 169 5.07 3.92 -9.47
C ILE A 169 6.54 4.19 -9.03
N LYS A 170 7.24 3.20 -8.42
CA LYS A 170 8.57 3.45 -7.79
C LYS A 170 9.85 3.21 -8.66
N ILE A 171 10.93 4.03 -8.43
CA ILE A 171 12.22 4.05 -9.21
C ILE A 171 13.47 4.26 -8.30
N THR A 172 14.72 4.11 -8.86
CA THR A 172 16.05 4.45 -8.19
C THR A 172 17.09 4.99 -9.22
N GLU A 173 18.40 5.09 -8.84
CA GLU A 173 19.45 5.55 -9.80
C GLU A 173 19.60 4.64 -11.05
N HIS A 174 19.69 3.31 -10.87
CA HIS A 174 19.89 2.36 -11.98
C HIS A 174 18.60 1.64 -12.49
N SER A 175 17.44 1.76 -11.82
CA SER A 175 16.16 1.12 -12.24
C SER A 175 15.11 2.14 -12.74
N TRP A 176 15.02 2.34 -14.07
CA TRP A 176 14.23 3.43 -14.73
C TRP A 176 13.96 3.10 -16.23
N ASN A 177 13.07 3.89 -16.92
CA ASN A 177 12.63 3.64 -18.33
C ASN A 177 12.18 4.93 -19.07
N ALA A 178 12.56 5.07 -20.36
CA ALA A 178 12.39 6.37 -21.07
C ALA A 178 10.96 6.63 -21.58
N ASP A 179 10.22 5.60 -22.01
CA ASP A 179 8.83 5.80 -22.45
C ASP A 179 7.82 6.05 -21.31
N LEU A 180 8.16 5.76 -20.04
CA LEU A 180 7.26 6.11 -18.90
C LEU A 180 7.28 7.61 -18.56
N TYR A 181 8.45 8.29 -18.59
CA TYR A 181 8.50 9.76 -18.48
C TYR A 181 7.71 10.46 -19.62
N LYS A 182 7.80 9.97 -20.86
CA LYS A 182 7.06 10.57 -21.97
C LYS A 182 5.53 10.52 -21.78
N LEU A 183 4.98 9.48 -21.12
CA LEU A 183 3.54 9.34 -20.87
C LEU A 183 2.99 10.23 -19.73
N MET A 184 3.83 10.73 -18.81
CA MET A 184 3.37 11.76 -17.86
C MET A 184 2.80 13.02 -18.56
N GLY A 185 3.17 13.28 -19.82
CA GLY A 185 2.58 14.39 -20.56
C GLY A 185 1.14 14.22 -21.07
N HIS A 186 0.44 13.12 -20.71
CA HIS A 186 -0.98 12.90 -21.05
C HIS A 186 -1.95 13.07 -19.87
N PHE A 187 -1.50 13.62 -18.71
CA PHE A 187 -2.31 13.98 -17.55
C PHE A 187 -2.39 15.52 -17.43
N ALA A 188 -3.20 16.01 -16.47
CA ALA A 188 -3.32 17.46 -16.26
C ALA A 188 -2.22 18.12 -15.39
N TRP A 189 -1.46 17.39 -14.53
CA TRP A 189 -0.32 17.86 -13.71
C TRP A 189 0.52 16.62 -13.30
N TRP A 190 1.81 16.80 -12.89
CA TRP A 190 2.75 15.71 -12.52
C TRP A 190 3.93 16.20 -11.63
N THR A 191 4.62 15.26 -10.88
CA THR A 191 5.85 15.54 -10.06
C THR A 191 6.62 14.25 -9.63
N ALA A 192 7.72 14.43 -8.83
CA ALA A 192 8.43 13.35 -8.09
C ALA A 192 8.71 13.63 -6.58
N PHE A 193 8.36 12.67 -5.65
CA PHE A 193 8.28 12.84 -4.16
C PHE A 193 9.21 11.93 -3.30
N VAL A 194 9.89 12.49 -2.27
CA VAL A 194 10.85 11.77 -1.36
C VAL A 194 10.38 11.78 0.12
N THR A 195 10.29 10.60 0.82
CA THR A 195 9.88 10.58 2.25
C THR A 195 10.99 10.97 3.26
N ASN A 196 10.61 11.70 4.35
CA ASN A 196 11.57 12.19 5.38
C ASN A 196 12.22 11.06 6.20
N VAL A 197 11.65 9.83 6.20
CA VAL A 197 12.22 8.74 7.00
C VAL A 197 13.27 7.87 6.27
N ASN A 198 13.35 7.88 4.91
CA ASN A 198 14.40 7.22 4.10
C ASN A 198 15.23 8.21 3.24
N ALA A 199 15.52 9.42 3.74
CA ALA A 199 16.18 10.50 2.99
C ALA A 199 17.68 10.26 2.67
N SER A 200 18.32 9.24 3.22
CA SER A 200 19.70 8.90 2.88
C SER A 200 19.85 7.86 1.72
N SER A 201 18.79 7.60 0.91
CA SER A 201 18.79 6.71 -0.27
C SER A 201 18.36 7.46 -1.53
N SER A 202 18.70 6.93 -2.74
CA SER A 202 18.32 7.57 -4.02
C SER A 202 16.90 7.14 -4.59
N GLU A 203 16.08 6.38 -3.83
CA GLU A 203 14.66 6.05 -4.11
C GLU A 203 13.73 7.29 -4.25
N ALA A 204 12.65 7.19 -5.09
CA ALA A 204 11.48 8.11 -5.14
C ALA A 204 10.22 7.49 -5.79
N PHE A 205 9.02 8.12 -5.59
CA PHE A 205 7.74 7.73 -6.26
C PHE A 205 7.30 8.75 -7.33
N LEU A 206 6.97 8.28 -8.56
CA LEU A 206 6.52 9.14 -9.69
C LEU A 206 4.97 9.16 -9.85
N ILE A 207 4.34 10.38 -9.86
CA ILE A 207 2.89 10.57 -9.62
C ILE A 207 2.20 11.34 -10.77
N GLY A 208 1.07 10.79 -11.31
CA GLY A 208 0.20 11.47 -12.30
C GLY A 208 -1.29 11.71 -11.96
N CYS A 209 -1.86 12.93 -12.17
CA CYS A 209 -3.15 13.39 -11.58
C CYS A 209 -4.22 13.79 -12.63
N ASN A 210 -5.35 13.04 -12.67
CA ASN A 210 -6.54 13.21 -13.56
C ASN A 210 -6.27 12.98 -15.08
N TYR A 211 -6.67 11.81 -15.65
CA TYR A 211 -6.23 11.32 -16.98
C TYR A 211 -7.14 11.76 -18.15
N LEU A 212 -6.52 12.14 -19.30
CA LEU A 212 -7.24 12.77 -20.42
C LEU A 212 -7.28 11.98 -21.74
N GLY A 213 -6.34 11.08 -22.00
CA GLY A 213 -6.41 10.24 -23.20
C GLY A 213 -5.69 10.71 -24.46
N LYS A 214 -4.95 11.82 -24.43
CA LYS A 214 -4.11 12.24 -25.56
C LYS A 214 -3.12 13.27 -25.05
N PRO A 215 -2.15 13.69 -25.89
CA PRO A 215 -1.06 14.55 -25.40
C PRO A 215 -1.47 16.01 -25.22
N ARG A 216 -0.99 16.58 -24.11
CA ARG A 216 -1.06 18.01 -23.83
C ARG A 216 0.26 18.73 -24.07
N GLU A 217 1.40 18.03 -23.93
CA GLU A 217 2.75 18.58 -23.99
C GLU A 217 3.71 17.49 -24.46
N GLN A 218 4.81 17.89 -25.13
CA GLN A 218 5.85 16.95 -25.61
C GLN A 218 7.07 16.91 -24.69
N ILE A 219 7.58 15.70 -24.39
CA ILE A 219 8.66 15.51 -23.42
C ILE A 219 9.67 14.47 -23.93
N ASP A 220 10.98 14.79 -23.84
CA ASP A 220 12.10 13.89 -24.20
C ASP A 220 12.66 13.19 -22.94
N GLY A 221 12.58 11.85 -22.90
CA GLY A 221 12.77 11.12 -21.65
C GLY A 221 14.22 10.94 -21.19
N TYR A 222 15.18 10.88 -22.13
CA TYR A 222 16.61 10.79 -21.75
C TYR A 222 17.10 12.08 -21.05
N VAL A 223 16.64 13.26 -21.50
CA VAL A 223 17.04 14.54 -20.92
C VAL A 223 16.40 14.78 -19.53
N MET A 224 15.19 14.25 -19.28
CA MET A 224 14.48 14.63 -18.03
C MET A 224 15.00 13.81 -16.80
N HIS A 225 15.53 12.56 -16.98
CA HIS A 225 16.21 11.82 -15.87
C HIS A 225 17.55 12.48 -15.49
N ALA A 226 18.28 13.07 -16.44
CA ALA A 226 19.52 13.80 -16.08
C ALA A 226 19.25 15.08 -15.30
N ASN A 227 18.10 15.75 -15.53
CA ASN A 227 17.69 16.88 -14.69
C ASN A 227 17.39 16.43 -13.23
N TYR A 228 16.84 15.20 -13.00
CA TYR A 228 16.50 14.71 -11.63
C TYR A 228 17.77 14.45 -10.77
N ILE A 229 18.83 13.86 -11.37
CA ILE A 229 20.11 13.63 -10.67
C ILE A 229 20.87 14.94 -10.28
N PHE A 230 20.76 16.01 -11.09
CA PHE A 230 21.39 17.30 -10.77
C PHE A 230 20.80 17.97 -9.51
N TRP A 231 19.45 17.92 -9.32
CA TRP A 231 18.79 18.45 -8.10
C TRP A 231 19.28 17.73 -6.82
N ARG A 232 19.26 16.37 -6.79
CA ARG A 232 19.69 15.63 -5.60
C ARG A 232 21.19 15.86 -5.26
N ASN A 233 22.08 16.03 -6.27
CA ASN A 233 23.53 16.26 -5.99
C ASN A 233 23.86 17.64 -5.39
N THR A 234 23.01 18.68 -5.52
CA THR A 234 23.33 20.00 -4.96
C THR A 234 22.40 20.48 -3.81
N ASN A 235 21.53 19.63 -3.24
CA ASN A 235 20.55 20.00 -2.21
C ASN A 235 20.35 18.89 -1.13
N PRO A 236 21.11 18.91 -0.01
CA PRO A 236 20.94 17.84 1.02
C PRO A 236 19.77 18.00 2.01
N ILE A 237 19.23 16.85 2.50
CA ILE A 237 17.98 16.77 3.30
C ILE A 237 18.18 15.99 4.61
N GLN A 238 17.59 16.43 5.69
CA GLN A 238 17.95 15.91 6.99
C GLN A 238 16.82 15.02 7.63
N LEU A 239 17.21 13.81 8.19
CA LEU A 239 16.29 12.73 8.61
C LEU A 239 15.38 13.16 9.78
N SER A 240 14.09 12.71 9.80
CA SER A 240 13.09 13.15 10.80
C SER A 240 11.84 12.24 10.91
N SER A 241 11.36 12.04 12.16
CA SER A 241 10.17 11.26 12.55
C SER A 241 8.99 12.07 13.14
N TYR A 242 9.06 13.41 13.15
CA TYR A 242 8.09 14.24 13.89
C TYR A 242 6.59 13.96 13.54
N SER A 243 6.22 13.82 12.25
CA SER A 243 4.78 13.79 11.91
C SER A 243 4.03 12.48 12.26
N LEU A 244 4.69 11.42 12.76
CA LEU A 244 4.00 10.16 13.12
C LEU A 244 3.18 10.26 14.42
N PHE A 245 3.36 11.31 15.24
CA PHE A 245 2.70 11.40 16.55
C PHE A 245 1.30 12.08 16.54
N ASP A 246 0.74 12.57 15.40
CA ASP A 246 -0.59 13.22 15.40
C ASP A 246 -1.50 12.68 14.30
N MET A 247 -2.49 11.85 14.69
CA MET A 247 -3.33 11.10 13.74
C MET A 247 -4.81 11.52 13.80
N SER A 248 -5.13 12.68 14.38
CA SER A 248 -6.54 13.01 14.56
C SER A 248 -7.28 13.34 13.24
N LYS A 249 -6.59 13.47 12.10
CA LYS A 249 -7.28 13.77 10.84
C LYS A 249 -6.79 12.94 9.64
N PHE A 250 -6.57 11.61 9.81
CA PHE A 250 -6.02 10.71 8.78
C PHE A 250 -6.97 10.25 7.65
N PRO A 251 -8.25 9.89 7.91
CA PRO A 251 -9.08 9.23 6.88
C PRO A 251 -9.48 10.12 5.68
N LEU A 252 -9.59 9.50 4.48
CA LEU A 252 -9.94 10.16 3.21
C LEU A 252 -11.43 10.53 3.09
N LYS A 253 -11.71 11.65 2.38
CA LYS A 253 -13.03 12.31 2.37
C LYS A 253 -13.99 11.79 1.29
N LEU A 254 -15.29 12.06 1.51
CA LEU A 254 -16.42 11.40 0.84
C LEU A 254 -17.18 12.36 -0.07
N ARG A 255 -16.78 12.45 -1.36
CA ARG A 255 -17.32 13.49 -2.24
C ARG A 255 -18.51 13.07 -3.09
N GLY A 256 -18.75 11.77 -3.29
CA GLY A 256 -19.91 11.28 -4.05
C GLY A 256 -19.93 11.59 -5.54
N THR A 257 -18.78 11.60 -6.20
CA THR A 257 -18.65 11.99 -7.62
C THR A 257 -19.55 11.15 -8.54
N ALA A 258 -19.96 11.74 -9.68
CA ALA A 258 -20.88 11.13 -10.65
C ALA A 258 -20.17 10.32 -11.76
N VAL A 259 -20.93 9.40 -12.39
CA VAL A 259 -20.42 8.40 -13.35
C VAL A 259 -21.36 8.29 -14.56
N MET A 260 -20.79 8.28 -15.80
CA MET A 260 -21.59 8.17 -17.03
C MET A 260 -20.95 7.24 -18.07
N SER A 261 -21.72 6.91 -19.13
CA SER A 261 -21.25 6.19 -20.32
C SER A 261 -21.41 7.06 -21.57
N LEU A 262 -20.37 7.15 -22.40
CA LEU A 262 -20.39 8.03 -23.56
C LEU A 262 -19.51 7.46 -24.67
N LYS A 263 -19.75 7.95 -25.89
CA LYS A 263 -19.06 7.46 -27.09
C LYS A 263 -18.23 8.57 -27.71
N GLU A 264 -17.07 8.21 -28.26
CA GLU A 264 -16.21 9.18 -28.94
C GLU A 264 -17.04 9.97 -29.93
N GLY A 265 -16.77 11.27 -30.02
CA GLY A 265 -17.68 12.13 -30.74
C GLY A 265 -18.82 12.63 -29.90
N GLN A 266 -18.62 12.73 -28.59
CA GLN A 266 -19.43 13.57 -27.71
C GLN A 266 -18.55 14.15 -26.62
N ILE A 267 -17.31 14.47 -26.96
CA ILE A 267 -16.34 15.03 -26.03
C ILE A 267 -16.21 16.51 -26.38
N ASN A 268 -16.74 17.37 -25.50
CA ASN A 268 -16.69 18.80 -25.72
C ASN A 268 -15.55 19.46 -24.92
N ASP A 269 -15.26 20.70 -25.28
CA ASP A 269 -14.44 21.52 -24.40
C ASP A 269 -15.10 21.63 -23.03
N MET A 270 -16.43 21.66 -22.98
CA MET A 270 -17.12 21.62 -21.68
C MET A 270 -16.72 20.40 -20.91
N ILE A 271 -16.82 19.24 -21.56
CA ILE A 271 -16.54 17.96 -20.91
C ILE A 271 -15.09 17.91 -20.41
N LEU A 272 -14.13 18.29 -21.27
CA LEU A 272 -12.73 18.25 -20.83
C LEU A 272 -12.50 19.15 -19.63
N SER A 273 -13.21 20.29 -19.57
CA SER A 273 -13.04 21.21 -18.45
C SER A 273 -13.37 20.56 -17.12
N LEU A 274 -14.47 19.79 -17.09
CA LEU A 274 -14.87 19.12 -15.82
C LEU A 274 -13.92 18.00 -15.42
N LEU A 275 -13.37 17.26 -16.40
CA LEU A 275 -12.41 16.20 -16.03
C LEU A 275 -11.17 16.79 -15.33
N SER A 276 -10.71 17.97 -15.76
CA SER A 276 -9.46 18.56 -15.26
C SER A 276 -9.58 19.06 -13.82
N LYS A 277 -10.78 19.42 -13.37
CA LYS A 277 -11.00 19.99 -12.04
C LYS A 277 -11.39 18.94 -10.99
N GLY A 278 -11.54 17.67 -11.37
CA GLY A 278 -11.73 16.59 -10.40
C GLY A 278 -13.16 16.19 -10.02
N ARG A 279 -14.06 16.04 -11.01
CA ARG A 279 -15.49 15.94 -10.73
C ARG A 279 -16.31 15.16 -11.77
N LEU A 280 -15.72 14.16 -12.43
CA LEU A 280 -16.46 13.27 -13.32
C LEU A 280 -15.60 12.05 -13.68
N ILE A 281 -16.25 10.86 -13.78
CA ILE A 281 -15.64 9.57 -14.16
C ILE A 281 -16.46 8.97 -15.32
N ILE A 282 -15.78 8.27 -16.25
CA ILE A 282 -16.42 7.76 -17.48
C ILE A 282 -16.04 6.30 -17.71
N ARG A 283 -17.01 5.40 -17.52
CA ARG A 283 -16.82 3.97 -17.72
C ARG A 283 -18.16 3.26 -17.59
N GLU A 284 -18.08 2.03 -17.92
CA GLU A 284 -19.13 1.12 -17.63
C GLU A 284 -19.31 0.65 -16.18
N ASN A 285 -20.46 0.01 -15.90
CA ASN A 285 -20.80 -0.30 -14.49
C ASN A 285 -21.40 -1.71 -14.30
N ASN A 286 -20.85 -2.71 -14.98
CA ASN A 286 -21.23 -4.09 -14.71
C ASN A 286 -20.39 -4.66 -13.58
N ARG A 287 -20.07 -5.95 -13.65
CA ARG A 287 -19.68 -6.65 -12.44
C ARG A 287 -18.30 -7.34 -12.72
N VAL A 288 -17.55 -7.73 -11.68
CA VAL A 288 -16.09 -7.89 -11.73
C VAL A 288 -15.64 -9.37 -11.78
N VAL A 289 -14.73 -9.71 -12.72
CA VAL A 289 -14.22 -11.08 -12.99
C VAL A 289 -12.74 -11.06 -13.46
N ILE A 290 -11.91 -12.06 -12.99
CA ILE A 290 -10.43 -12.11 -13.15
C ILE A 290 -9.92 -13.55 -13.38
N SER A 291 -8.66 -13.73 -13.90
CA SER A 291 -8.04 -15.08 -14.06
C SER A 291 -6.50 -15.06 -14.32
N SER A 292 -5.90 -16.28 -14.41
CA SER A 292 -4.45 -16.50 -14.60
C SER A 292 -4.08 -17.77 -15.40
N ASP A 293 -3.13 -17.67 -16.38
CA ASP A 293 -2.74 -18.77 -17.30
C ASP A 293 -1.73 -19.78 -16.72
N VAL A 294 -1.87 -21.09 -17.11
CA VAL A 294 -1.03 -22.21 -16.62
C VAL A 294 -0.52 -23.08 -17.79
N LEU A 295 0.80 -23.39 -17.80
CA LEU A 295 1.54 -24.24 -18.73
C LEU A 295 1.71 -25.70 -18.27
N VAL A 296 1.47 -26.69 -19.15
CA VAL A 296 1.50 -28.10 -18.70
C VAL A 296 2.57 -28.87 -19.49
N ASN A 297 3.38 -29.68 -18.80
CA ASN A 297 4.54 -30.33 -19.42
C ASN A 297 4.92 -31.61 -18.67
N ASN A 298 5.91 -32.31 -19.23
CA ASN A 298 6.37 -33.62 -18.77
C ASN A 298 5.27 -34.67 -18.87
N ALA B 18 -11.65 -42.33 11.63
CA ALA B 18 -11.72 -42.18 13.08
C ALA B 18 -10.47 -41.50 13.61
N PHE B 19 -9.54 -41.17 12.72
CA PHE B 19 -8.25 -40.58 13.06
C PHE B 19 -8.18 -39.15 12.52
N ALA B 20 -7.46 -38.29 13.23
CA ALA B 20 -7.24 -36.90 12.79
C ALA B 20 -6.21 -36.23 13.70
N VAL B 21 -5.64 -35.13 13.18
CA VAL B 21 -4.56 -34.40 13.84
C VAL B 21 -5.13 -33.37 14.81
N ASP B 22 -4.38 -33.04 15.88
CA ASP B 22 -4.84 -32.07 16.89
C ASP B 22 -3.70 -31.10 17.25
N ALA B 23 -3.65 -29.96 16.56
CA ALA B 23 -2.57 -29.00 16.76
C ALA B 23 -2.80 -28.06 17.94
N ALA B 24 -4.05 -27.89 18.39
CA ALA B 24 -4.32 -26.97 19.49
C ALA B 24 -3.77 -27.47 20.81
N LYS B 25 -3.77 -28.79 21.04
CA LYS B 25 -3.16 -29.34 22.25
C LYS B 25 -1.65 -29.31 22.21
N ALA B 26 -1.05 -29.16 21.03
CA ALA B 26 0.40 -29.34 20.86
C ALA B 26 1.20 -28.08 21.19
N TYR B 27 0.68 -26.88 20.85
CA TYR B 27 1.34 -25.63 21.25
C TYR B 27 1.32 -25.46 22.77
N LYS B 28 0.24 -25.91 23.43
CA LYS B 28 0.14 -25.79 24.88
C LYS B 28 1.21 -26.62 25.60
N ASP B 29 1.42 -27.85 25.16
CA ASP B 29 2.45 -28.69 25.77
C ASP B 29 3.85 -28.15 25.50
N TYR B 30 4.08 -27.58 24.32
CA TYR B 30 5.38 -27.03 23.97
C TYR B 30 5.72 -25.82 24.83
N LEU B 31 4.72 -25.00 25.18
CA LEU B 31 4.98 -23.82 25.98
C LEU B 31 5.30 -24.16 27.42
N ALA B 32 4.57 -25.13 27.99
CA ALA B 32 4.77 -25.49 29.40
C ALA B 32 6.17 -26.03 29.65
N SER B 33 6.79 -26.66 28.66
CA SER B 33 8.15 -27.16 28.83
C SER B 33 9.20 -26.08 28.64
N GLY B 34 8.84 -24.92 28.09
CA GLY B 34 9.74 -23.78 28.04
C GLY B 34 10.31 -23.41 26.69
N GLY B 35 9.47 -23.29 25.66
CA GLY B 35 9.90 -22.84 24.35
C GLY B 35 9.56 -21.38 24.07
N GLN B 36 10.20 -20.83 23.01
CA GLN B 36 10.01 -19.42 22.64
C GLN B 36 8.77 -19.25 21.76
N PRO B 37 7.97 -18.20 21.98
CA PRO B 37 6.72 -18.02 21.22
C PRO B 37 6.94 -17.46 19.81
N ILE B 38 5.86 -17.50 19.02
CA ILE B 38 5.86 -17.11 17.61
C ILE B 38 5.96 -15.58 17.48
N THR B 39 6.71 -15.11 16.46
CA THR B 39 7.01 -13.67 16.24
C THR B 39 6.54 -13.17 14.87
N ASN B 40 6.76 -11.87 14.62
CA ASN B 40 6.45 -11.17 13.36
C ASN B 40 4.97 -10.82 13.14
N CYS B 41 4.15 -10.64 14.20
CA CYS B 41 2.79 -10.11 14.09
C CYS B 41 2.84 -8.58 13.82
N VAL B 42 1.80 -8.02 13.15
CA VAL B 42 1.85 -6.66 12.53
C VAL B 42 1.10 -5.57 13.36
N LYS B 43 1.81 -4.57 13.92
CA LYS B 43 1.25 -3.53 14.83
C LYS B 43 1.07 -2.15 14.18
N MET B 44 -0.06 -1.43 14.48
CA MET B 44 -0.50 -0.17 13.83
C MET B 44 -0.32 1.09 14.71
N LEU B 45 -0.30 2.27 14.04
CA LEU B 45 -0.28 3.61 14.68
C LEU B 45 -1.70 4.21 14.81
N CYS B 46 -2.02 4.82 15.97
CA CYS B 46 -3.39 5.31 16.26
C CYS B 46 -3.38 6.32 17.42
N THR B 47 -4.53 7.02 17.62
CA THR B 47 -4.76 7.71 18.89
C THR B 47 -5.21 6.68 19.94
N HIS B 48 -4.90 6.94 21.20
CA HIS B 48 -5.35 5.94 22.16
C HIS B 48 -6.53 6.50 22.97
N THR B 49 -7.64 6.82 22.29
CA THR B 49 -8.87 7.32 22.95
C THR B 49 -10.15 6.66 22.39
N GLY B 50 -10.15 5.32 22.17
CA GLY B 50 -11.29 4.59 21.61
C GLY B 50 -12.20 3.95 22.65
N THR B 51 -13.03 2.98 22.21
CA THR B 51 -14.11 2.44 23.05
C THR B 51 -13.77 1.16 23.82
N GLY B 52 -12.83 0.34 23.35
CA GLY B 52 -12.36 -0.80 24.14
C GLY B 52 -12.93 -2.18 23.85
N GLN B 53 -13.81 -2.34 22.84
CA GLN B 53 -14.39 -3.66 22.52
C GLN B 53 -13.37 -4.57 21.78
N ALA B 54 -13.73 -5.85 21.65
CA ALA B 54 -12.79 -6.94 21.34
C ALA B 54 -12.43 -7.11 19.84
N ILE B 55 -13.39 -7.00 18.92
CA ILE B 55 -13.15 -7.24 17.48
C ILE B 55 -13.98 -6.25 16.66
N THR B 56 -13.33 -5.48 15.75
CA THR B 56 -13.98 -4.31 15.16
C THR B 56 -13.59 -4.09 13.68
N VAL B 57 -14.27 -3.13 13.04
CA VAL B 57 -14.00 -2.83 11.63
C VAL B 57 -12.88 -1.82 11.39
N THR B 58 -12.44 -1.09 12.42
CA THR B 58 -11.31 -0.16 12.36
C THR B 58 -10.72 -0.08 13.76
N PRO B 59 -9.44 0.29 13.90
CA PRO B 59 -8.76 0.28 15.23
C PRO B 59 -9.48 1.08 16.33
N GLU B 60 -9.58 0.50 17.56
CA GLU B 60 -10.36 1.11 18.66
C GLU B 60 -9.72 1.01 20.06
N ALA B 61 -8.39 1.05 20.20
CA ALA B 61 -7.74 0.84 21.51
C ALA B 61 -7.87 2.05 22.45
N ASN B 62 -7.83 1.78 23.79
CA ASN B 62 -7.80 2.82 24.83
C ASN B 62 -6.40 2.95 25.47
N MET B 63 -6.32 3.70 26.59
CA MET B 63 -5.04 3.96 27.26
C MET B 63 -4.45 2.74 28.01
N ASP B 64 -5.04 1.55 27.92
CA ASP B 64 -4.44 0.36 28.49
C ASP B 64 -4.24 -0.78 27.48
N GLN B 65 -4.24 -0.53 26.15
CA GLN B 65 -4.19 -1.61 25.13
C GLN B 65 -3.37 -1.20 23.88
N GLU B 66 -3.12 -2.19 22.99
CA GLU B 66 -2.54 -2.04 21.63
C GLU B 66 -3.41 -2.77 20.58
N SER B 67 -3.33 -2.35 19.30
CA SER B 67 -4.13 -2.87 18.17
C SER B 67 -3.26 -3.51 17.05
N PHE B 68 -3.73 -4.64 16.45
CA PHE B 68 -2.98 -5.51 15.50
C PHE B 68 -3.85 -5.94 14.29
N GLY B 69 -3.19 -6.25 13.17
CA GLY B 69 -3.88 -6.82 11.97
C GLY B 69 -4.23 -8.31 12.08
N GLY B 70 -5.44 -8.66 11.61
CA GLY B 70 -6.11 -9.89 12.06
C GLY B 70 -5.55 -11.20 11.52
N ALA B 71 -5.25 -11.27 10.22
CA ALA B 71 -4.76 -12.55 9.66
C ALA B 71 -3.43 -13.02 10.29
N SER B 72 -2.55 -12.10 10.68
CA SER B 72 -1.24 -12.49 11.22
C SER B 72 -1.28 -12.99 12.67
N CYS B 73 -2.46 -13.04 13.31
CA CYS B 73 -2.61 -13.59 14.67
C CYS B 73 -3.43 -14.91 14.74
N CYS B 74 -3.67 -15.61 13.62
CA CYS B 74 -4.49 -16.85 13.59
C CYS B 74 -3.64 -18.10 13.34
N LEU B 75 -3.77 -19.10 14.24
CA LEU B 75 -2.89 -20.28 14.22
C LEU B 75 -3.08 -21.14 12.97
N TYR B 76 -4.32 -21.25 12.47
CA TYR B 76 -4.55 -22.09 11.29
C TYR B 76 -4.04 -21.42 10.01
N CYS B 77 -4.25 -20.11 9.86
CA CYS B 77 -3.74 -19.39 8.69
C CYS B 77 -2.20 -19.51 8.59
N ARG B 78 -1.47 -19.36 9.72
CA ARG B 78 0.00 -19.30 9.68
C ARG B 78 0.67 -20.68 9.49
N CYS B 79 0.04 -21.80 9.91
CA CYS B 79 0.62 -23.14 9.77
C CYS B 79 0.24 -23.84 8.46
N HIS B 80 -0.69 -23.27 7.68
CA HIS B 80 -1.19 -23.90 6.46
C HIS B 80 -1.98 -25.20 6.71
N ILE B 81 -3.13 -25.14 7.39
CA ILE B 81 -3.95 -26.33 7.67
C ILE B 81 -5.42 -25.94 7.58
N ASP B 82 -6.32 -26.92 7.73
CA ASP B 82 -7.75 -26.71 7.61
C ASP B 82 -8.35 -26.06 8.87
N HIS B 83 -9.39 -25.22 8.66
CA HIS B 83 -10.06 -24.54 9.78
C HIS B 83 -11.11 -25.48 10.39
N PRO B 84 -11.18 -25.59 11.73
CA PRO B 84 -12.10 -26.57 12.35
C PRO B 84 -13.55 -26.14 12.40
N ASN B 85 -14.33 -26.51 11.38
CA ASN B 85 -15.67 -25.97 11.15
C ASN B 85 -16.37 -26.88 10.14
N PRO B 86 -17.71 -26.93 10.15
CA PRO B 86 -18.41 -27.54 9.01
C PRO B 86 -18.06 -26.86 7.69
N LYS B 87 -18.38 -25.56 7.59
CA LYS B 87 -17.88 -24.72 6.51
C LYS B 87 -16.66 -23.99 7.04
N GLY B 88 -15.47 -24.45 6.65
CA GLY B 88 -14.24 -23.87 7.16
C GLY B 88 -14.19 -22.36 7.11
N PHE B 89 -14.73 -21.70 8.13
CA PHE B 89 -14.88 -20.25 8.16
C PHE B 89 -13.99 -19.65 9.23
N CYS B 90 -13.30 -18.54 8.90
CA CYS B 90 -12.33 -17.88 9.79
C CYS B 90 -12.93 -16.60 10.35
N ASP B 91 -12.72 -16.38 11.66
CA ASP B 91 -13.31 -15.28 12.39
C ASP B 91 -12.48 -13.99 12.40
N LEU B 92 -11.22 -14.01 11.95
CA LEU B 92 -10.30 -12.87 12.14
C LEU B 92 -9.84 -12.20 10.85
N LYS B 93 -9.61 -12.97 9.79
CA LYS B 93 -9.11 -12.44 8.53
C LYS B 93 -9.96 -11.28 8.00
N GLY B 94 -9.32 -10.13 7.77
CA GLY B 94 -10.02 -8.94 7.27
C GLY B 94 -10.55 -7.92 8.30
N LYS B 95 -10.21 -8.04 9.59
CA LYS B 95 -10.62 -7.08 10.64
C LYS B 95 -9.41 -6.78 11.56
N TYR B 96 -9.66 -6.15 12.76
CA TYR B 96 -8.62 -5.74 13.72
C TYR B 96 -8.96 -6.22 15.16
N VAL B 97 -7.92 -6.57 15.97
CA VAL B 97 -8.10 -7.13 17.32
C VAL B 97 -7.27 -6.37 18.38
N GLN B 98 -7.85 -6.18 19.59
CA GLN B 98 -7.27 -5.45 20.73
C GLN B 98 -6.69 -6.37 21.82
N ILE B 99 -5.49 -6.05 22.34
CA ILE B 99 -4.79 -6.86 23.37
C ILE B 99 -4.27 -6.04 24.55
N PRO B 100 -4.41 -6.50 25.81
CA PRO B 100 -3.91 -5.71 26.96
C PRO B 100 -2.38 -5.64 27.04
N THR B 101 -1.88 -4.48 27.53
CA THR B 101 -0.45 -4.15 27.42
C THR B 101 0.45 -5.15 28.18
N THR B 102 0.00 -5.69 29.33
CA THR B 102 0.86 -6.61 30.06
C THR B 102 0.97 -8.00 29.43
N CYS B 103 0.20 -8.33 28.37
CA CYS B 103 0.23 -9.65 27.75
C CYS B 103 0.70 -9.62 26.28
N ALA B 104 1.32 -8.53 25.83
CA ALA B 104 1.54 -8.30 24.40
C ALA B 104 2.77 -9.02 23.83
N ASN B 105 3.41 -9.91 24.58
CA ASN B 105 4.54 -10.68 24.05
C ASN B 105 4.14 -12.01 23.43
N ASP B 106 2.87 -12.42 23.50
CA ASP B 106 2.41 -13.67 22.88
C ASP B 106 0.97 -13.51 22.43
N PRO B 107 0.73 -12.78 21.33
CA PRO B 107 -0.66 -12.58 20.86
C PRO B 107 -1.37 -13.86 20.40
N VAL B 108 -0.66 -14.83 19.79
CA VAL B 108 -1.29 -16.05 19.30
C VAL B 108 -1.87 -16.88 20.45
N GLY B 109 -1.13 -17.05 21.54
CA GLY B 109 -1.64 -17.80 22.68
C GLY B 109 -2.82 -17.15 23.39
N PHE B 110 -2.85 -15.81 23.46
CA PHE B 110 -3.94 -15.13 24.17
C PHE B 110 -5.30 -15.42 23.55
N THR B 111 -5.39 -15.44 22.20
CA THR B 111 -6.69 -15.61 21.55
C THR B 111 -7.21 -17.06 21.65
N LEU B 112 -6.33 -18.05 21.75
CA LEU B 112 -6.77 -19.43 21.93
C LEU B 112 -7.45 -19.72 23.26
N ARG B 113 -7.20 -18.91 24.30
CA ARG B 113 -7.57 -19.32 25.66
C ARG B 113 -8.77 -18.59 26.27
N ASN B 114 -9.23 -17.47 25.72
CA ASN B 114 -10.24 -16.64 26.37
C ASN B 114 -11.53 -16.59 25.54
N THR B 115 -12.57 -15.96 26.10
CA THR B 115 -13.92 -15.97 25.51
C THR B 115 -14.57 -14.58 25.59
N VAL B 116 -15.45 -14.28 24.61
CA VAL B 116 -16.12 -12.99 24.44
C VAL B 116 -17.55 -13.03 24.98
N CYS B 117 -17.99 -11.97 25.67
CA CYS B 117 -19.38 -11.85 26.15
C CYS B 117 -20.31 -11.44 25.01
N THR B 118 -21.49 -12.06 24.97
CA THR B 118 -22.39 -11.95 23.83
C THR B 118 -23.49 -10.90 24.01
N VAL B 119 -23.37 -10.01 25.00
CA VAL B 119 -24.38 -8.98 25.19
C VAL B 119 -23.77 -7.58 25.23
N CYS B 120 -22.52 -7.46 25.71
CA CYS B 120 -21.86 -6.15 25.74
C CYS B 120 -20.60 -6.05 24.87
N GLY B 121 -19.97 -7.16 24.51
CA GLY B 121 -18.88 -7.15 23.55
C GLY B 121 -17.48 -7.08 24.10
N MET B 122 -17.30 -7.14 25.42
CA MET B 122 -15.99 -7.08 26.08
C MET B 122 -15.46 -8.49 26.34
N TRP B 123 -14.16 -8.59 26.66
CA TRP B 123 -13.58 -9.87 27.07
C TRP B 123 -14.04 -10.26 28.47
N LYS B 124 -14.44 -11.52 28.65
CA LYS B 124 -14.78 -12.03 29.97
C LYS B 124 -13.53 -12.06 30.86
N GLY B 125 -13.56 -11.29 31.95
CA GLY B 125 -12.44 -11.23 32.87
C GLY B 125 -11.54 -10.00 32.72
N TYR B 126 -11.58 -9.32 31.56
CA TYR B 126 -10.79 -8.10 31.36
C TYR B 126 -11.68 -6.97 30.83
N GLY B 127 -12.93 -6.88 31.29
CA GLY B 127 -13.78 -5.77 30.89
C GLY B 127 -15.28 -5.88 31.13
N CYS B 128 -15.84 -7.08 31.11
CA CYS B 128 -17.29 -7.25 31.24
C CYS B 128 -17.71 -7.08 32.70
N SER B 129 -18.61 -6.12 32.95
CA SER B 129 -19.05 -5.78 34.30
C SER B 129 -20.49 -6.21 34.56
N CYS B 130 -20.96 -7.24 33.85
CA CYS B 130 -22.38 -7.52 33.71
C CYS B 130 -23.04 -8.17 34.92
N ASP B 131 -22.73 -7.72 36.14
CA ASP B 131 -23.38 -8.24 37.34
C ASP B 131 -23.34 -7.21 38.45
N GLN B 132 -24.51 -6.83 38.96
CA GLN B 132 -24.60 -5.84 40.04
C GLN B 132 -24.21 -6.43 41.39
O1 MES C . -3.85 19.66 -7.35
C2 MES C . -3.64 20.64 -6.33
C3 MES C . -2.18 21.14 -6.20
N4 MES C . -1.78 21.69 -7.49
C5 MES C . -2.47 21.20 -8.67
C6 MES C . -2.85 19.76 -8.38
C7 MES C . -1.02 22.95 -7.52
C8 MES C . -0.04 22.99 -8.70
S MES C . 1.03 24.31 -8.59
O1S MES C . 0.33 25.59 -8.37
O2S MES C . 1.99 24.08 -7.47
O3S MES C . 1.85 24.46 -9.82
MG MG D . 17.27 2.82 4.10
N SAH E . 7.73 -5.70 1.09
CA SAH E . 7.42 -4.84 -0.07
CB SAH E . 8.00 -5.48 -1.35
CG SAH E . 9.50 -5.72 -1.20
SD SAH E . 10.25 -6.83 -2.43
C SAH E . 5.92 -4.59 -0.22
O SAH E . 5.37 -4.53 -1.31
OXT SAH E . 5.28 -4.44 0.93
C5' SAH E . 9.61 -6.20 -3.99
C4' SAH E . 8.86 -7.39 -4.58
O4' SAH E . 8.84 -7.33 -6.02
C3' SAH E . 9.50 -8.73 -4.22
O3' SAH E . 8.81 -9.41 -3.18
C2' SAH E . 9.52 -9.51 -5.56
O2' SAH E . 9.03 -10.84 -5.39
C1' SAH E . 8.63 -8.65 -6.46
N9 SAH E . 8.94 -8.71 -7.88
C8 SAH E . 10.10 -8.34 -8.51
N7 SAH E . 10.14 -8.58 -9.79
C5 SAH E . 8.91 -9.16 -10.05
C6 SAH E . 8.33 -9.69 -11.24
N6 SAH E . 8.97 -9.75 -12.42
N1 SAH E . 7.08 -10.19 -11.16
C2 SAH E . 6.46 -10.17 -9.98
N3 SAH E . 6.90 -9.73 -8.79
C4 SAH E . 8.14 -9.24 -8.90
C1 YG4 F . 26.29 2.41 -5.34
C2 YG4 F . 28.75 5.77 -2.94
C3 YG4 F . 26.09 1.21 -4.61
C4 YG4 F . 24.88 0.70 -5.18
C5 YG4 F . 26.86 4.47 -4.06
C6 YG4 F . 24.76 1.01 -6.61
C7 YG4 F . 26.01 5.70 -3.75
C8 YG4 F . 23.48 1.71 -6.87
C9 YG4 F . 26.43 6.87 -3.12
C10 YG4 F . 24.68 4.07 -4.90
C11 YG4 F . 23.45 6.05 -4.38
C12 YG4 F . 16.35 0.72 -2.13
C13 YG4 F . 15.17 -0.25 -2.27
C14 YG4 F . 14.93 -1.23 -1.16
C15 YG4 F . 14.31 -2.37 -1.98
C16 YG4 F . 14.87 -2.53 -3.47
C17 YG4 F . 17.34 -3.16 -3.77
C18 YG4 F . 17.04 -5.46 -3.66
C19 YG4 F . 17.08 -6.85 -3.62
C20 YG4 F . 14.83 -7.07 -3.41
C21 YG4 F . 15.75 -4.87 -3.59
C22 YG4 F . 12.04 -3.28 -2.06
C23 YG4 F . 12.79 -3.13 1.66
C24 YG4 F . 12.69 -4.64 1.64
C25 YG4 F . 13.04 -5.25 2.95
C26 YG4 F . 14.18 -6.16 2.68
C27 YG4 F . 14.83 -5.70 1.43
C28 YG4 F . 15.34 -7.83 0.19
C29 YG4 F . 17.75 -8.38 -0.13
C30 YG4 F . 18.16 -7.10 0.62
C31 YG4 F . 17.19 -6.28 1.09
N1 YG4 F . 27.75 6.96 -2.68
N2 YG4 F . 30.13 5.77 -2.39
N3 YG4 F . 28.21 4.54 -3.63
N4 YG4 F . 24.68 5.23 -4.37
N5 YG4 F . 25.81 3.58 -4.74
N6 YG4 F . 15.95 -3.47 -3.65
N7 YG4 F . 17.98 -4.42 -3.77
N8 YG4 F . 18.35 -7.57 -3.63
N9 YG4 F . 16.02 -7.51 -3.49
N10 YG4 F . 14.64 -5.72 -3.46
N11 YG4 F . 15.75 -6.63 0.89
N12 YG4 F . 16.36 -8.69 -0.32
O1 YG4 F . 27.26 0.34 -4.85
O2 YG4 F . 24.98 -0.75 -4.90
O3 YG4 F . 25.87 2.07 -6.89
O4 YG4 F . 22.43 0.83 -7.02
O5 YG4 F . 25.55 7.96 -2.91
O6 YG4 F . 20.24 1.69 -8.00
O7 YG4 F . 20.19 0.14 -6.27
O8 YG4 F . 20.75 2.61 -5.63
O9 YG4 F . 20.47 3.98 -3.47
O10 YG4 F . 21.75 2.12 -3.28
O11 YG4 F . 19.25 1.63 -3.52
O12 YG4 F . 19.03 1.92 -0.90
O13 YG4 F . 20.16 0.01 -1.63
O14 YG4 F . 17.58 0.01 -1.97
O15 YG4 F . 15.30 -1.06 -3.56
O16 YG4 F . 14.15 -0.61 -0.07
O17 YG4 F . 12.84 -2.15 -1.88
O18 YG4 F . 13.85 -0.11 2.49
O19 YG4 F . 15.91 -0.80 1.93
O20 YG4 F . 14.14 -2.67 1.82
O21 YG4 F . 13.62 -5.27 0.58
O22 YG4 F . 11.91 -5.99 3.55
O23 YG4 F . 13.58 -7.51 2.52
O24 YG4 F . 14.19 -8.07 0.05
O25 YG4 F . 18.60 -9.09 -0.55
P1 YG4 F . 20.89 1.34 -6.73
P2 YG4 F . 20.56 2.59 -3.98
P3 YG4 F . 19.02 0.89 -1.99
P4 YG4 F . 14.52 -1.05 1.56
H1 YG4 F . 27.19 2.65 -5.33
H2 YG4 F . 26.00 1.31 -3.68
H3 YG4 F . 24.11 1.08 -4.81
H4 YG4 F . 24.82 0.22 -7.11
H5 YG4 F . 23.58 2.22 -7.66
H6 YG4 F . 23.30 2.29 -6.16
H8 YG4 F . 23.92 3.52 -4.76
H9 YG4 F . 22.75 5.57 -4.78
H10 YG4 F . 23.61 6.85 -4.86
H11 YG4 F . 23.21 6.26 -3.49
H12 YG4 F . 16.20 1.26 -1.38
H13 YG4 F . 16.41 1.25 -2.91
H14 YG4 F . 14.43 0.32 -2.27
H15 YG4 F . 15.66 -1.55 -0.67
H16 YG4 F . 14.59 -3.21 -1.65
H17 YG4 F . 14.26 -2.85 -4.11
H19 YG4 F . 17.57 -2.60 -4.38
H20 YG4 F . 14.11 -7.65 -3.32
H21 YG4 F . 12.56 -4.06 -1.98
H22 YG4 F . 11.36 -3.30 -1.41
H23 YG4 F . 11.65 -3.27 -2.93
H24 YG4 F . 12.27 -2.81 2.36
H25 YG4 F . 12.46 -2.79 0.85
H26 YG4 F . 11.79 -4.83 1.42
H27 YG4 F . 13.27 -4.57 3.56
H28 YG4 F . 14.82 -6.16 3.36
H29 YG4 F . 15.42 -4.98 1.54
H30 YG4 F . 19.06 -6.89 0.74
H31 YG4 F . 17.43 -5.50 1.54
H32 YG4 F . 28.02 7.68 -2.27
H33 YG4 F . 30.56 6.49 -2.23
H34 YG4 F . 30.40 5.03 -1.97
H36 YG4 F . 18.36 -8.41 -3.43
H37 YG4 F . 19.10 -7.12 -3.64
H38 YG4 F . 16.14 -9.42 -0.74
H39 YG4 F . 27.01 -0.30 -5.29
H40 YG4 F . 24.57 -0.95 -4.22
H45 YG4 F . 11.68 -5.59 4.25
H46 YG4 F . 12.74 -7.46 2.52
C1 EDO G . 5.68 -9.61 17.13
O1 EDO G . 5.17 -10.90 17.49
C2 EDO G . 5.38 -8.65 18.28
O2 EDO G . 5.22 -9.41 19.49
ZN ZN H . -7.67 -18.06 9.91
ZN ZN I . -21.17 -8.58 29.38
#